data_3GXV
#
_entry.id   3GXV
#
_cell.length_a   71.830
_cell.length_b   78.150
_cell.length_c   108.000
_cell.angle_alpha   90.00
_cell.angle_beta   90.00
_cell.angle_gamma   90.00
#
_symmetry.space_group_name_H-M   'P 21 21 21'
#
loop_
_entity.id
_entity.type
_entity.pdbx_description
1 polymer 'Replicative DNA helicase'
2 polymer 'Replicative DNA helicase'
3 polymer 'Replicative DNA helicase'
4 water water
#
loop_
_entity_poly.entity_id
_entity_poly.type
_entity_poly.pdbx_seq_one_letter_code
_entity_poly.pdbx_strand_id
1 'polypeptide(L)'
;MDHLKHLQQLQNIERIVLSGIVLANHKIEEVHSVLEPSDFYYPPNGLFFEIALKLHEEDCPIDENFIRQKMPKDKQIKEE
DLVAIFAASPIDNIEAYVEEIKNASIKRKLFGLANTIREQAHH
;
A,B
2 'polypeptide(L)' IKNASIKRKLFGLANTIREQAL C
3 'polypeptide(L)' VEEIKNASIKRKLFGLANTIREQALE D
#
# COMPACT_ATOMS: atom_id res chain seq x y z
N MET A 1 9.50 17.26 4.35
CA MET A 1 9.41 15.79 4.18
C MET A 1 8.73 15.39 2.87
N ASP A 2 9.36 14.48 2.14
CA ASP A 2 8.78 13.99 0.90
C ASP A 2 7.76 12.94 1.34
N HIS A 3 7.08 12.31 0.39
CA HIS A 3 6.08 11.31 0.74
C HIS A 3 6.68 10.11 1.46
N LEU A 4 7.87 9.71 1.01
CA LEU A 4 8.59 8.56 1.57
C LEU A 4 8.91 8.71 3.06
N LYS A 5 9.39 9.88 3.46
CA LYS A 5 9.74 10.19 4.84
C LYS A 5 8.50 10.13 5.72
N HIS A 6 7.36 10.47 5.15
CA HIS A 6 6.11 10.45 5.89
C HIS A 6 5.64 9.03 6.20
N LEU A 7 5.79 8.15 5.24
CA LEU A 7 5.37 6.76 5.38
C LEU A 7 6.30 6.07 6.37
N GLN A 8 7.57 6.44 6.29
CA GLN A 8 8.62 5.90 7.15
C GLN A 8 8.40 6.40 8.57
N GLN A 9 7.83 7.59 8.70
CA GLN A 9 7.59 8.16 10.02
C GLN A 9 6.30 7.62 10.65
N LEU A 10 5.38 7.15 9.82
CA LEU A 10 4.13 6.60 10.32
C LEU A 10 4.49 5.22 10.90
N GLN A 11 5.40 4.53 10.21
CA GLN A 11 5.84 3.21 10.64
C GLN A 11 6.59 3.29 11.96
N ASN A 12 7.46 4.30 12.06
CA ASN A 12 8.24 4.53 13.25
C ASN A 12 7.29 4.86 14.41
N ILE A 13 6.42 5.84 14.20
CA ILE A 13 5.42 6.25 15.19
C ILE A 13 4.58 5.08 15.76
N GLU A 14 4.17 4.14 14.92
CA GLU A 14 3.40 3.00 15.42
C GLU A 14 4.23 2.17 16.41
N ARG A 15 5.50 1.96 16.06
CA ARG A 15 6.44 1.21 16.90
C ARG A 15 6.53 1.86 18.27
N ILE A 16 6.71 3.18 18.28
CA ILE A 16 6.85 3.97 19.51
C ILE A 16 5.62 3.92 20.41
N VAL A 17 4.43 3.94 19.82
CA VAL A 17 3.22 3.87 20.63
C VAL A 17 3.15 2.47 21.27
N LEU A 18 3.38 1.43 20.47
CA LEU A 18 3.32 0.05 20.93
C LEU A 18 4.38 -0.24 22.00
N SER A 19 5.57 0.30 21.82
CA SER A 19 6.67 0.14 22.75
C SER A 19 6.23 0.71 24.10
N GLY A 20 5.62 1.90 24.06
CA GLY A 20 5.13 2.55 25.26
C GLY A 20 4.10 1.72 26.01
N ILE A 21 3.30 0.97 25.27
CA ILE A 21 2.30 0.10 25.89
C ILE A 21 3.02 -1.06 26.59
N VAL A 22 4.12 -1.53 26.01
CA VAL A 22 4.88 -2.63 26.62
C VAL A 22 5.52 -2.18 27.93
N LEU A 23 5.97 -0.93 27.94
CA LEU A 23 6.62 -0.35 29.12
C LEU A 23 5.62 0.19 30.15
N ALA A 24 4.39 0.44 29.70
CA ALA A 24 3.35 0.95 30.58
C ALA A 24 2.06 0.36 30.03
N ASN A 25 1.80 -0.89 30.42
CA ASN A 25 0.64 -1.64 29.97
C ASN A 25 -0.70 -0.92 29.98
N HIS A 26 -0.98 -0.19 31.06
CA HIS A 26 -2.26 0.49 31.20
C HIS A 26 -2.64 1.43 30.06
N LYS A 27 -1.66 1.94 29.33
CA LYS A 27 -2.00 2.84 28.23
C LYS A 27 -2.76 2.18 27.10
N ILE A 28 -2.72 0.85 27.02
CA ILE A 28 -3.43 0.15 25.96
C ILE A 28 -4.88 0.66 25.89
N GLU A 29 -5.42 1.05 27.04
CA GLU A 29 -6.80 1.52 27.12
C GLU A 29 -7.06 2.86 26.44
N GLU A 30 -6.23 3.84 26.74
CA GLU A 30 -6.37 5.16 26.15
C GLU A 30 -6.08 5.10 24.65
N VAL A 31 -5.16 4.20 24.26
CA VAL A 31 -4.79 4.04 22.86
C VAL A 31 -5.90 3.31 22.08
N HIS A 32 -6.56 2.36 22.73
CA HIS A 32 -7.60 1.56 22.09
C HIS A 32 -8.90 2.35 21.87
N SER A 33 -9.13 3.36 22.70
CA SER A 33 -10.34 4.17 22.59
C SER A 33 -10.31 4.96 21.29
N VAL A 34 -9.20 4.85 20.58
CA VAL A 34 -9.01 5.56 19.33
C VAL A 34 -8.64 4.60 18.21
N LEU A 35 -7.78 3.65 18.54
CA LEU A 35 -7.30 2.70 17.56
C LEU A 35 -7.76 1.26 17.70
N GLU A 36 -7.93 0.64 16.54
CA GLU A 36 -8.28 -0.75 16.43
C GLU A 36 -7.06 -1.28 15.72
N PRO A 37 -6.90 -2.61 15.63
CA PRO A 37 -5.71 -3.12 14.93
C PRO A 37 -5.74 -2.69 13.46
N SER A 38 -6.94 -2.65 12.90
CA SER A 38 -7.17 -2.29 11.51
C SER A 38 -6.64 -0.90 11.13
N ASP A 39 -6.46 -0.02 12.11
CA ASP A 39 -5.96 1.32 11.84
C ASP A 39 -4.46 1.43 11.64
N PHE A 40 -3.74 0.34 11.85
CA PHE A 40 -2.30 0.37 11.69
C PHE A 40 -1.83 0.19 10.25
N TYR A 41 -0.96 1.13 9.84
CA TYR A 41 -0.34 1.18 8.53
C TYR A 41 0.44 -0.09 8.20
N TYR A 42 1.39 -0.43 9.07
CA TYR A 42 2.19 -1.64 8.90
C TYR A 42 1.43 -2.76 9.59
N PRO A 43 0.93 -3.74 8.81
CA PRO A 43 0.15 -4.88 9.30
C PRO A 43 0.65 -5.60 10.55
N PRO A 44 1.96 -5.90 10.61
CA PRO A 44 2.52 -6.59 11.79
C PRO A 44 2.31 -5.75 13.07
N ASN A 45 2.23 -4.43 12.89
CA ASN A 45 1.99 -3.52 14.02
C ASN A 45 0.54 -3.77 14.46
N GLY A 46 -0.34 -4.00 13.50
CA GLY A 46 -1.74 -4.26 13.80
C GLY A 46 -1.93 -5.56 14.56
N LEU A 47 -1.23 -6.61 14.12
CA LEU A 47 -1.33 -7.93 14.75
C LEU A 47 -0.73 -7.90 16.16
N PHE A 48 0.24 -7.03 16.35
CA PHE A 48 0.86 -6.90 17.67
C PHE A 48 -0.17 -6.26 18.62
N PHE A 49 -0.82 -5.19 18.16
CA PHE A 49 -1.81 -4.48 18.95
C PHE A 49 -2.97 -5.43 19.25
N GLU A 50 -3.29 -6.25 18.26
CA GLU A 50 -4.34 -7.24 18.38
C GLU A 50 -3.99 -8.30 19.42
N ILE A 51 -2.71 -8.64 19.55
CA ILE A 51 -2.33 -9.63 20.55
C ILE A 51 -2.39 -8.98 21.93
N ALA A 52 -1.89 -7.75 22.02
CA ALA A 52 -1.84 -6.99 23.28
C ALA A 52 -3.23 -6.74 23.88
N LEU A 53 -4.18 -6.38 23.03
CA LEU A 53 -5.54 -6.14 23.49
C LEU A 53 -6.03 -7.42 24.17
N LYS A 54 -5.83 -8.55 23.48
CA LYS A 54 -6.23 -9.86 23.98
C LYS A 54 -5.59 -10.21 25.31
N LEU A 55 -4.32 -9.84 25.48
CA LEU A 55 -3.61 -10.13 26.72
C LEU A 55 -4.20 -9.27 27.84
N HIS A 56 -4.35 -7.98 27.58
CA HIS A 56 -4.88 -7.05 28.55
C HIS A 56 -6.28 -7.46 29.02
N GLU A 57 -7.12 -7.89 28.09
CA GLU A 57 -8.47 -8.30 28.45
C GLU A 57 -8.45 -9.37 29.52
N GLU A 58 -7.40 -10.19 29.53
CA GLU A 58 -7.30 -11.25 30.54
C GLU A 58 -6.29 -10.95 31.66
N ASP A 59 -5.88 -9.69 31.76
CA ASP A 59 -4.94 -9.25 32.80
C ASP A 59 -3.53 -9.84 32.83
N CYS A 60 -3.10 -10.42 31.71
CA CYS A 60 -1.76 -10.98 31.63
C CYS A 60 -0.83 -9.86 31.17
N PRO A 61 0.31 -9.68 31.84
CA PRO A 61 1.24 -8.62 31.44
C PRO A 61 1.51 -8.64 29.93
N ILE A 62 1.76 -7.46 29.37
CA ILE A 62 2.05 -7.33 27.94
C ILE A 62 3.57 -7.21 27.80
N ASP A 63 4.24 -8.31 27.51
CA ASP A 63 5.68 -8.26 27.37
C ASP A 63 6.16 -9.16 26.24
N GLU A 64 7.47 -9.21 26.04
CA GLU A 64 8.08 -10.02 24.98
C GLU A 64 7.75 -11.49 25.15
N ASN A 65 7.77 -11.91 26.40
CA ASN A 65 7.47 -13.29 26.74
C ASN A 65 6.07 -13.69 26.31
N PHE A 66 5.07 -12.98 26.82
CA PHE A 66 3.69 -13.30 26.48
C PHE A 66 3.21 -12.99 25.08
N ILE A 67 3.79 -12.00 24.42
CA ILE A 67 3.41 -11.66 23.05
C ILE A 67 3.73 -12.84 22.14
N ARG A 68 4.90 -13.43 22.33
CA ARG A 68 5.33 -14.57 21.51
C ARG A 68 4.51 -15.82 21.85
N GLN A 69 4.51 -16.20 23.12
CA GLN A 69 3.77 -17.37 23.59
C GLN A 69 2.30 -17.41 23.16
N LYS A 70 1.62 -16.27 23.20
CA LYS A 70 0.21 -16.24 22.80
C LYS A 70 0.02 -15.73 21.37
N MET A 71 1.14 -15.59 20.65
CA MET A 71 1.08 -15.15 19.26
C MET A 71 0.19 -16.15 18.50
N PRO A 72 -0.80 -15.65 17.75
CA PRO A 72 -1.73 -16.48 16.97
C PRO A 72 -1.32 -17.92 16.76
N LYS A 73 -0.77 -18.22 15.58
CA LYS A 73 -0.33 -19.57 15.21
C LYS A 73 -0.44 -19.70 13.70
N ASP A 74 -1.62 -19.44 13.18
CA ASP A 74 -1.86 -19.49 11.75
C ASP A 74 -1.21 -18.23 11.16
N LYS A 75 -1.25 -17.17 11.97
CA LYS A 75 -0.64 -15.89 11.60
C LYS A 75 0.48 -15.62 12.60
N GLN A 76 1.65 -15.24 12.10
CA GLN A 76 2.80 -14.97 12.95
C GLN A 76 3.34 -13.58 12.67
N ILE A 77 4.22 -13.10 13.54
CA ILE A 77 4.86 -11.80 13.36
C ILE A 77 6.35 -12.10 13.20
N LYS A 78 6.95 -11.57 12.13
CA LYS A 78 8.35 -11.80 11.85
C LYS A 78 9.27 -11.37 12.99
N GLU A 79 10.36 -12.09 13.15
CA GLU A 79 11.34 -11.80 14.20
C GLU A 79 11.77 -10.34 14.23
N GLU A 80 12.12 -9.79 13.06
CA GLU A 80 12.58 -8.40 12.98
C GLU A 80 11.50 -7.36 13.30
N ASP A 81 10.25 -7.69 13.00
CA ASP A 81 9.17 -6.75 13.27
C ASP A 81 8.93 -6.69 14.77
N LEU A 82 9.14 -7.83 15.43
CA LEU A 82 8.98 -7.95 16.88
C LEU A 82 10.10 -7.13 17.54
N VAL A 83 11.34 -7.44 17.20
CA VAL A 83 12.48 -6.74 17.74
C VAL A 83 12.38 -5.22 17.52
N ALA A 84 11.95 -4.82 16.33
CA ALA A 84 11.84 -3.40 16.00
C ALA A 84 10.80 -2.66 16.84
N ILE A 85 9.84 -3.37 17.39
CA ILE A 85 8.84 -2.72 18.22
C ILE A 85 9.38 -2.62 19.63
N PHE A 86 9.85 -3.75 20.14
CA PHE A 86 10.40 -3.79 21.49
C PHE A 86 11.56 -2.83 21.67
N ALA A 87 12.34 -2.63 20.60
CA ALA A 87 13.52 -1.76 20.66
C ALA A 87 13.28 -0.26 20.41
N ALA A 88 12.06 0.12 20.04
CA ALA A 88 11.77 1.52 19.80
C ALA A 88 11.80 2.27 21.12
N SER A 89 12.18 3.55 21.07
CA SER A 89 12.26 4.37 22.27
C SER A 89 10.92 4.93 22.65
N PRO A 90 10.51 4.66 23.88
CA PRO A 90 9.25 5.10 24.45
C PRO A 90 9.41 6.57 24.81
N ILE A 91 8.38 7.32 24.47
CA ILE A 91 8.35 8.74 24.71
C ILE A 91 7.22 8.95 25.70
N ASP A 92 7.05 10.18 26.14
CA ASP A 92 5.96 10.45 27.05
C ASP A 92 4.95 11.12 26.14
N ASN A 93 3.71 11.19 26.58
CA ASN A 93 2.67 11.83 25.78
C ASN A 93 2.54 11.40 24.32
N ILE A 94 2.01 10.21 24.10
CA ILE A 94 1.83 9.67 22.76
C ILE A 94 0.49 10.10 22.15
N GLU A 95 -0.18 11.07 22.78
CA GLU A 95 -1.46 11.57 22.29
C GLU A 95 -1.42 12.01 20.83
N ALA A 96 -0.37 12.74 20.47
CA ALA A 96 -0.19 13.21 19.10
C ALA A 96 -0.02 12.03 18.14
N TYR A 97 0.92 11.16 18.46
CA TYR A 97 1.23 9.96 17.68
C TYR A 97 -0.02 9.12 17.40
N VAL A 98 -0.78 8.85 18.46
CA VAL A 98 -2.00 8.05 18.37
C VAL A 98 -2.96 8.74 17.40
N GLU A 99 -2.95 10.06 17.44
CA GLU A 99 -3.81 10.86 16.59
C GLU A 99 -3.35 10.80 15.14
N GLU A 100 -2.04 10.78 14.92
CA GLU A 100 -1.51 10.71 13.56
C GLU A 100 -1.78 9.34 12.95
N ILE A 101 -1.79 8.29 13.76
CA ILE A 101 -2.03 6.95 13.26
C ILE A 101 -3.49 6.84 12.82
N LYS A 102 -4.38 7.45 13.60
CA LYS A 102 -5.80 7.44 13.30
C LYS A 102 -6.09 8.27 12.05
N ASN A 103 -5.44 9.42 11.94
CA ASN A 103 -5.61 10.31 10.79
C ASN A 103 -5.19 9.58 9.52
N ALA A 104 -3.96 9.07 9.53
CA ALA A 104 -3.40 8.33 8.40
C ALA A 104 -4.34 7.20 7.97
N SER A 105 -4.97 6.58 8.95
CA SER A 105 -5.92 5.49 8.73
C SER A 105 -7.13 5.97 7.91
N ILE A 106 -7.76 7.04 8.38
CA ILE A 106 -8.94 7.60 7.72
C ILE A 106 -8.60 8.01 6.28
N LYS A 107 -7.39 8.49 6.09
CA LYS A 107 -6.94 8.89 4.76
C LYS A 107 -6.91 7.65 3.88
N ARG A 108 -6.37 6.54 4.38
CA ARG A 108 -6.28 5.30 3.58
C ARG A 108 -7.67 4.77 3.22
N LYS A 109 -8.56 4.74 4.20
CA LYS A 109 -9.94 4.26 3.97
C LYS A 109 -10.62 5.12 2.90
N LEU A 110 -10.37 6.43 2.94
CA LEU A 110 -10.94 7.38 1.97
C LEU A 110 -10.41 7.04 0.59
N PHE A 111 -9.12 6.71 0.52
CA PHE A 111 -8.46 6.36 -0.72
C PHE A 111 -8.99 5.05 -1.28
N GLY A 112 -9.19 4.07 -0.41
CA GLY A 112 -9.71 2.80 -0.87
C GLY A 112 -11.08 2.99 -1.48
N LEU A 113 -11.92 3.74 -0.78
CA LEU A 113 -13.30 4.05 -1.20
C LEU A 113 -13.30 4.88 -2.49
N ALA A 114 -12.39 5.84 -2.57
CA ALA A 114 -12.29 6.69 -3.76
C ALA A 114 -12.00 5.81 -4.97
N ASN A 115 -11.11 4.84 -4.79
CA ASN A 115 -10.77 3.90 -5.85
C ASN A 115 -12.02 3.11 -6.23
N THR A 116 -12.46 2.27 -5.29
CA THR A 116 -13.64 1.42 -5.48
C THR A 116 -14.78 2.13 -6.17
N ILE A 117 -14.96 3.40 -5.86
CA ILE A 117 -16.04 4.14 -6.49
C ILE A 117 -15.76 4.32 -7.98
N ARG A 118 -14.62 4.91 -8.32
CA ARG A 118 -14.30 5.13 -9.73
C ARG A 118 -14.08 3.79 -10.44
N GLU A 119 -14.13 2.70 -9.67
CA GLU A 119 -13.95 1.36 -10.22
C GLU A 119 -15.30 0.80 -10.64
N GLN A 120 -16.32 1.07 -9.82
CA GLN A 120 -17.67 0.60 -10.08
C GLN A 120 -18.31 1.44 -11.18
N ALA A 121 -17.68 2.57 -11.48
CA ALA A 121 -18.17 3.46 -12.53
C ALA A 121 -17.63 2.96 -13.86
N HIS A 122 -16.64 2.09 -13.78
CA HIS A 122 -15.98 1.50 -14.94
C HIS A 122 -15.32 2.56 -15.82
N MET B 1 4.00 5.89 -36.84
CA MET B 1 4.68 5.55 -35.56
C MET B 1 6.18 5.32 -35.75
N ASP B 2 6.98 6.20 -35.16
CA ASP B 2 8.44 6.07 -35.24
C ASP B 2 8.82 4.91 -34.33
N HIS B 3 9.83 4.14 -34.72
CA HIS B 3 10.24 3.01 -33.90
C HIS B 3 10.76 3.43 -32.53
N LEU B 4 11.50 4.53 -32.48
CA LEU B 4 12.06 5.05 -31.24
C LEU B 4 10.92 5.48 -30.34
N LYS B 5 10.05 6.34 -30.89
CA LYS B 5 8.89 6.87 -30.18
C LYS B 5 8.10 5.74 -29.54
N HIS B 6 7.85 4.69 -30.34
CA HIS B 6 7.10 3.53 -29.90
C HIS B 6 7.72 2.92 -28.66
N LEU B 7 9.01 2.63 -28.72
CA LEU B 7 9.73 2.04 -27.61
C LEU B 7 9.58 2.91 -26.38
N GLN B 8 9.75 4.22 -26.55
CA GLN B 8 9.65 5.18 -25.47
C GLN B 8 8.24 5.14 -24.88
N GLN B 9 7.27 4.89 -25.77
CA GLN B 9 5.86 4.81 -25.44
C GLN B 9 5.60 3.57 -24.56
N LEU B 10 6.26 2.46 -24.89
CA LEU B 10 6.13 1.22 -24.15
C LEU B 10 6.65 1.40 -22.73
N GLN B 11 7.80 2.06 -22.62
CA GLN B 11 8.40 2.32 -21.33
C GLN B 11 7.47 3.20 -20.49
N ASN B 12 6.96 4.26 -21.11
CA ASN B 12 6.07 5.22 -20.44
C ASN B 12 4.77 4.56 -19.98
N ILE B 13 4.24 3.66 -20.80
CA ILE B 13 3.01 2.95 -20.49
C ILE B 13 3.17 2.00 -19.31
N GLU B 14 4.34 1.39 -19.18
CA GLU B 14 4.59 0.45 -18.10
C GLU B 14 4.63 1.15 -16.75
N ARG B 15 5.14 2.38 -16.74
CA ARG B 15 5.21 3.14 -15.51
C ARG B 15 3.81 3.56 -15.09
N ILE B 16 3.05 4.09 -16.04
CA ILE B 16 1.70 4.54 -15.74
C ILE B 16 0.88 3.39 -15.15
N VAL B 17 1.15 2.18 -15.61
CA VAL B 17 0.44 1.01 -15.13
C VAL B 17 0.86 0.67 -13.71
N LEU B 18 2.17 0.77 -13.46
CA LEU B 18 2.75 0.48 -12.13
C LEU B 18 2.36 1.58 -11.16
N SER B 19 2.32 2.81 -11.66
CA SER B 19 1.92 3.96 -10.87
C SER B 19 0.45 3.78 -10.50
N GLY B 20 -0.32 3.21 -11.42
CA GLY B 20 -1.74 2.98 -11.17
C GLY B 20 -1.96 1.95 -10.06
N ILE B 21 -1.12 0.93 -10.05
CA ILE B 21 -1.18 -0.13 -9.04
C ILE B 21 -0.87 0.42 -7.65
N VAL B 22 0.00 1.43 -7.61
CA VAL B 22 0.39 2.07 -6.36
C VAL B 22 -0.76 2.89 -5.80
N LEU B 23 -1.65 3.35 -6.68
CA LEU B 23 -2.83 4.13 -6.29
C LEU B 23 -3.98 3.20 -5.83
N ALA B 24 -4.06 2.04 -6.46
CA ALA B 24 -5.08 1.05 -6.11
C ALA B 24 -4.40 -0.32 -6.07
N ASN B 25 -3.75 -0.61 -4.95
CA ASN B 25 -3.03 -1.89 -4.78
C ASN B 25 -3.85 -3.13 -5.16
N HIS B 26 -5.17 -2.97 -5.26
CA HIS B 26 -6.02 -4.10 -5.61
C HIS B 26 -5.94 -4.40 -7.10
N LYS B 27 -5.59 -3.38 -7.90
CA LYS B 27 -5.50 -3.55 -9.34
C LYS B 27 -4.38 -4.48 -9.75
N ILE B 28 -3.56 -4.89 -8.78
CA ILE B 28 -2.43 -5.77 -9.07
C ILE B 28 -2.87 -7.18 -9.42
N GLU B 29 -4.06 -7.55 -8.94
CA GLU B 29 -4.59 -8.88 -9.21
C GLU B 29 -5.00 -8.98 -10.67
N GLU B 30 -5.67 -7.94 -11.14
CA GLU B 30 -6.13 -7.89 -12.52
C GLU B 30 -4.93 -7.85 -13.48
N VAL B 31 -4.01 -6.94 -13.22
CA VAL B 31 -2.81 -6.79 -14.04
C VAL B 31 -2.00 -8.08 -14.13
N HIS B 32 -1.88 -8.77 -13.00
CA HIS B 32 -1.11 -10.02 -12.90
C HIS B 32 -1.81 -11.16 -13.63
N SER B 33 -3.11 -11.00 -13.89
CA SER B 33 -3.87 -12.03 -14.59
C SER B 33 -3.53 -12.01 -16.07
N VAL B 34 -2.65 -11.07 -16.45
CA VAL B 34 -2.22 -10.92 -17.83
C VAL B 34 -0.72 -10.64 -17.93
N LEU B 35 -0.09 -10.25 -16.84
CA LEU B 35 1.32 -9.92 -16.85
C LEU B 35 2.22 -10.53 -15.79
N GLU B 36 3.39 -10.98 -16.21
CA GLU B 36 4.40 -11.51 -15.30
C GLU B 36 5.51 -10.46 -15.35
N PRO B 37 6.41 -10.43 -14.36
CA PRO B 37 7.48 -9.43 -14.38
C PRO B 37 8.27 -9.49 -15.71
N SER B 38 8.63 -10.70 -16.11
CA SER B 38 9.37 -10.93 -17.34
C SER B 38 8.68 -10.34 -18.58
N ASP B 39 7.43 -9.90 -18.44
CA ASP B 39 6.74 -9.34 -19.59
C ASP B 39 6.97 -7.84 -19.76
N PHE B 40 7.76 -7.24 -18.87
CA PHE B 40 8.03 -5.81 -18.96
C PHE B 40 9.25 -5.57 -19.81
N TYR B 41 9.18 -4.54 -20.65
CA TYR B 41 10.24 -4.14 -21.57
C TYR B 41 11.45 -3.56 -20.84
N TYR B 42 11.20 -2.59 -19.97
CA TYR B 42 12.28 -1.99 -19.18
C TYR B 42 12.39 -2.89 -17.95
N PRO B 43 13.48 -3.65 -17.83
CA PRO B 43 13.71 -4.57 -16.70
C PRO B 43 13.41 -4.04 -15.30
N PRO B 44 13.82 -2.79 -14.99
CA PRO B 44 13.54 -2.27 -13.65
C PRO B 44 12.05 -2.19 -13.32
N ASN B 45 11.21 -2.11 -14.34
CA ASN B 45 9.76 -2.05 -14.14
C ASN B 45 9.25 -3.43 -13.79
N GLY B 46 9.87 -4.46 -14.40
CA GLY B 46 9.49 -5.82 -14.09
C GLY B 46 9.92 -6.13 -12.66
N LEU B 47 11.13 -5.72 -12.31
CA LEU B 47 11.64 -5.94 -10.97
C LEU B 47 10.68 -5.32 -9.95
N PHE B 48 10.18 -4.12 -10.30
CA PHE B 48 9.22 -3.41 -9.46
C PHE B 48 7.95 -4.25 -9.35
N PHE B 49 7.41 -4.67 -10.49
CA PHE B 49 6.21 -5.50 -10.49
C PHE B 49 6.39 -6.72 -9.58
N GLU B 50 7.62 -7.24 -9.57
CA GLU B 50 7.98 -8.41 -8.80
C GLU B 50 7.87 -8.14 -7.30
N ILE B 51 8.52 -7.07 -6.84
CA ILE B 51 8.48 -6.72 -5.44
C ILE B 51 7.05 -6.41 -5.01
N ALA B 52 6.26 -5.85 -5.93
CA ALA B 52 4.88 -5.51 -5.63
C ALA B 52 4.08 -6.79 -5.45
N LEU B 53 4.25 -7.74 -6.36
CA LEU B 53 3.55 -9.02 -6.29
C LEU B 53 3.84 -9.66 -4.94
N LYS B 54 5.10 -9.58 -4.52
CA LYS B 54 5.51 -10.14 -3.23
C LYS B 54 4.87 -9.39 -2.05
N LEU B 55 4.85 -8.07 -2.12
CA LEU B 55 4.25 -7.25 -1.06
C LEU B 55 2.75 -7.48 -0.92
N HIS B 56 2.09 -7.81 -2.01
CA HIS B 56 0.64 -8.02 -1.99
C HIS B 56 0.26 -9.40 -1.47
N GLU B 57 1.20 -10.33 -1.53
CA GLU B 57 0.97 -11.69 -1.05
C GLU B 57 1.10 -11.73 0.45
N GLU B 58 1.70 -10.67 0.99
CA GLU B 58 1.92 -10.53 2.41
C GLU B 58 0.99 -9.46 2.96
N ASP B 59 0.08 -9.01 2.10
CA ASP B 59 -0.90 -7.99 2.44
C ASP B 59 -0.24 -6.70 2.93
N CYS B 60 1.00 -6.47 2.49
CA CYS B 60 1.70 -5.24 2.86
C CYS B 60 1.42 -4.19 1.81
N PRO B 61 1.19 -2.94 2.23
CA PRO B 61 0.91 -1.90 1.24
C PRO B 61 1.98 -1.81 0.17
N ILE B 62 1.60 -1.35 -1.01
CA ILE B 62 2.57 -1.17 -2.09
C ILE B 62 2.75 0.33 -2.21
N ASP B 63 3.79 0.86 -1.58
CA ASP B 63 4.04 2.28 -1.63
C ASP B 63 5.54 2.56 -1.71
N GLU B 64 5.88 3.84 -1.78
CA GLU B 64 7.28 4.25 -1.85
C GLU B 64 8.10 3.63 -0.73
N ASN B 65 7.59 3.71 0.49
CA ASN B 65 8.27 3.17 1.68
C ASN B 65 8.59 1.69 1.54
N PHE B 66 7.57 0.84 1.47
CA PHE B 66 7.80 -0.58 1.38
C PHE B 66 8.48 -1.10 0.11
N ILE B 67 8.32 -0.39 -1.00
CA ILE B 67 8.95 -0.84 -2.23
C ILE B 67 10.45 -0.76 -2.04
N ARG B 68 10.89 0.29 -1.37
CA ARG B 68 12.31 0.49 -1.14
C ARG B 68 12.81 -0.41 -0.01
N GLN B 69 11.92 -0.76 0.92
CA GLN B 69 12.31 -1.63 2.02
C GLN B 69 12.42 -3.08 1.52
N LYS B 70 11.53 -3.46 0.61
CA LYS B 70 11.52 -4.83 0.09
C LYS B 70 12.42 -5.08 -1.12
N MET B 71 13.27 -4.10 -1.45
CA MET B 71 14.19 -4.24 -2.58
C MET B 71 15.35 -5.16 -2.20
N PRO B 72 15.59 -6.21 -3.00
CA PRO B 72 16.64 -7.24 -2.82
C PRO B 72 18.02 -6.84 -2.27
N LYS B 73 18.34 -5.56 -2.32
CA LYS B 73 19.62 -5.05 -1.79
C LYS B 73 20.91 -5.85 -2.17
N ASP B 74 20.84 -6.63 -3.25
CA ASP B 74 21.96 -7.35 -3.76
C ASP B 74 21.92 -6.79 -5.17
N LYS B 75 20.67 -6.56 -5.54
CA LYS B 75 20.23 -5.99 -6.79
C LYS B 75 19.32 -4.86 -6.33
N GLN B 76 19.43 -3.71 -6.97
CA GLN B 76 18.62 -2.56 -6.59
C GLN B 76 18.08 -1.79 -7.80
N ILE B 77 17.02 -1.03 -7.55
CA ILE B 77 16.40 -0.21 -8.60
C ILE B 77 16.84 1.24 -8.47
N LYS B 78 17.67 1.69 -9.42
CA LYS B 78 18.18 3.05 -9.42
C LYS B 78 17.10 4.08 -9.15
N GLU B 79 17.37 4.96 -8.18
CA GLU B 79 16.45 6.01 -7.78
C GLU B 79 15.71 6.72 -8.91
N GLU B 80 16.40 6.95 -10.02
CA GLU B 80 15.74 7.64 -11.13
C GLU B 80 14.60 6.80 -11.71
N ASP B 81 14.74 5.49 -11.65
CA ASP B 81 13.72 4.59 -12.19
C ASP B 81 12.50 4.50 -11.28
N LEU B 82 12.73 4.77 -9.99
CA LEU B 82 11.68 4.76 -8.99
C LEU B 82 10.84 6.02 -9.14
N VAL B 83 11.50 7.18 -9.06
CA VAL B 83 10.81 8.45 -9.19
C VAL B 83 10.05 8.50 -10.51
N ALA B 84 10.54 7.75 -11.49
CA ALA B 84 9.92 7.69 -12.80
C ALA B 84 8.56 7.03 -12.63
N ILE B 85 8.55 5.91 -11.93
CA ILE B 85 7.33 5.17 -11.69
C ILE B 85 6.36 5.90 -10.75
N PHE B 86 6.86 6.40 -9.64
CA PHE B 86 6.00 7.10 -8.67
C PHE B 86 5.45 8.44 -9.15
N ALA B 87 6.16 9.11 -10.05
CA ALA B 87 5.71 10.41 -10.55
C ALA B 87 4.75 10.32 -11.74
N ALA B 88 4.81 9.23 -12.49
CA ALA B 88 3.93 9.04 -13.64
C ALA B 88 2.49 9.15 -13.17
N SER B 89 1.62 9.65 -14.05
CA SER B 89 0.21 9.83 -13.70
C SER B 89 -0.66 8.59 -13.79
N PRO B 90 -1.27 8.23 -12.66
CA PRO B 90 -2.15 7.08 -12.59
C PRO B 90 -3.24 7.47 -13.59
N ILE B 91 -3.61 6.55 -14.47
CA ILE B 91 -4.65 6.83 -15.45
C ILE B 91 -5.90 6.14 -14.95
N ASP B 92 -7.00 6.34 -15.64
CA ASP B 92 -8.21 5.68 -15.23
C ASP B 92 -8.31 4.54 -16.23
N ASN B 93 -8.54 3.32 -15.76
CA ASN B 93 -8.60 2.19 -16.67
C ASN B 93 -7.31 2.00 -17.46
N ILE B 94 -6.42 1.18 -16.89
CA ILE B 94 -5.13 0.87 -17.49
C ILE B 94 -5.21 -0.45 -18.26
N GLU B 95 -6.43 -0.87 -18.58
CA GLU B 95 -6.65 -2.12 -19.31
C GLU B 95 -5.89 -2.20 -20.62
N ALA B 96 -6.28 -1.38 -21.59
CA ALA B 96 -5.61 -1.40 -22.90
C ALA B 96 -4.09 -1.43 -22.75
N TYR B 97 -3.57 -0.57 -21.88
CA TYR B 97 -2.15 -0.49 -21.60
C TYR B 97 -1.58 -1.87 -21.23
N VAL B 98 -2.22 -2.53 -20.27
CA VAL B 98 -1.78 -3.84 -19.83
C VAL B 98 -1.72 -4.83 -20.99
N GLU B 99 -2.76 -4.82 -21.84
CA GLU B 99 -2.82 -5.70 -23.01
C GLU B 99 -1.78 -5.25 -24.04
N GLU B 100 -1.42 -3.97 -24.01
CA GLU B 100 -0.44 -3.45 -24.95
C GLU B 100 0.92 -3.95 -24.48
N ILE B 101 1.14 -3.88 -23.17
CA ILE B 101 2.40 -4.34 -22.58
C ILE B 101 2.59 -5.83 -22.86
N LYS B 102 1.50 -6.58 -22.77
CA LYS B 102 1.51 -8.02 -23.00
C LYS B 102 1.81 -8.34 -24.46
N ASN B 103 1.19 -7.57 -25.36
CA ASN B 103 1.37 -7.72 -26.80
C ASN B 103 2.82 -7.50 -27.25
N ALA B 104 3.49 -6.49 -26.70
CA ALA B 104 4.87 -6.22 -27.10
C ALA B 104 5.80 -7.27 -26.48
N SER B 105 5.37 -7.86 -25.37
CA SER B 105 6.14 -8.90 -24.73
C SER B 105 6.13 -10.09 -25.70
N ILE B 106 4.94 -10.45 -26.16
CA ILE B 106 4.78 -11.57 -27.10
C ILE B 106 5.55 -11.35 -28.40
N LYS B 107 5.55 -10.12 -28.90
CA LYS B 107 6.28 -9.81 -30.11
C LYS B 107 7.77 -10.07 -29.90
N ARG B 108 8.32 -9.60 -28.79
CA ARG B 108 9.74 -9.80 -28.49
C ARG B 108 10.08 -11.29 -28.36
N LYS B 109 9.13 -12.07 -27.86
CA LYS B 109 9.32 -13.51 -27.73
C LYS B 109 9.27 -14.14 -29.12
N LEU B 110 8.48 -13.53 -29.99
CA LEU B 110 8.34 -14.00 -31.36
C LEU B 110 9.66 -13.81 -32.08
N PHE B 111 10.22 -12.61 -31.93
CA PHE B 111 11.47 -12.21 -32.53
C PHE B 111 12.64 -13.04 -31.99
N GLY B 112 12.61 -13.35 -30.69
CA GLY B 112 13.68 -14.13 -30.10
C GLY B 112 13.73 -15.52 -30.69
N LEU B 113 12.57 -16.16 -30.77
CA LEU B 113 12.44 -17.50 -31.32
C LEU B 113 12.79 -17.49 -32.81
N ALA B 114 12.50 -16.37 -33.47
CA ALA B 114 12.82 -16.25 -34.88
C ALA B 114 14.34 -16.33 -35.05
N ASN B 115 15.08 -15.70 -34.16
CA ASN B 115 16.53 -15.70 -34.23
C ASN B 115 17.19 -17.02 -33.89
N THR B 116 16.63 -17.74 -32.92
CA THR B 116 17.20 -19.03 -32.57
C THR B 116 16.92 -20.00 -33.70
N ILE B 117 15.80 -19.81 -34.40
CA ILE B 117 15.46 -20.67 -35.53
C ILE B 117 16.39 -20.40 -36.71
N ARG B 118 16.73 -19.14 -36.93
CA ARG B 118 17.64 -18.77 -38.01
C ARG B 118 19.06 -19.24 -37.67
N GLU B 119 19.50 -18.92 -36.45
CA GLU B 119 20.84 -19.30 -35.99
C GLU B 119 21.00 -20.81 -36.00
N GLN B 120 20.07 -21.51 -35.38
CA GLN B 120 20.10 -22.97 -35.36
C GLN B 120 19.46 -23.46 -36.65
N ALA B 121 20.20 -23.30 -37.74
CA ALA B 121 19.75 -23.69 -39.07
C ALA B 121 20.92 -23.42 -39.99
N HIS B 122 21.72 -22.44 -39.58
CA HIS B 122 22.92 -22.05 -40.32
C HIS B 122 24.08 -22.73 -39.63
N HIS B 123 23.75 -23.81 -38.90
CA HIS B 123 24.72 -24.61 -38.16
C HIS B 123 26.09 -23.97 -38.09
N ILE C 1 -24.18 0.97 -6.34
CA ILE C 1 -24.70 1.49 -5.04
C ILE C 1 -25.40 0.39 -4.25
N LYS C 2 -24.89 0.12 -3.05
CA LYS C 2 -25.43 -0.90 -2.17
C LYS C 2 -24.45 -1.05 -1.03
N ASN C 3 -23.26 -1.51 -1.39
CA ASN C 3 -22.18 -1.71 -0.44
C ASN C 3 -21.42 -0.40 -0.34
N ALA C 4 -21.32 0.31 -1.47
CA ALA C 4 -20.63 1.58 -1.51
C ALA C 4 -21.28 2.57 -0.55
N SER C 5 -22.60 2.54 -0.45
CA SER C 5 -23.33 3.45 0.42
C SER C 5 -23.02 3.15 1.88
N ILE C 6 -22.94 1.87 2.22
CA ILE C 6 -22.65 1.42 3.58
C ILE C 6 -21.20 1.72 3.95
N LYS C 7 -20.34 1.72 2.94
CA LYS C 7 -18.93 2.00 3.15
C LYS C 7 -18.73 3.50 3.34
N ARG C 8 -19.53 4.31 2.65
CA ARG C 8 -19.43 5.75 2.76
C ARG C 8 -20.01 6.23 4.09
N LYS C 9 -21.05 5.53 4.54
CA LYS C 9 -21.72 5.84 5.79
C LYS C 9 -20.86 5.49 7.01
N LEU C 10 -20.22 4.32 6.97
CA LEU C 10 -19.38 3.90 8.08
C LEU C 10 -18.10 4.71 8.07
N PHE C 11 -17.67 5.13 6.89
CA PHE C 11 -16.48 5.95 6.78
C PHE C 11 -16.83 7.31 7.39
N GLY C 12 -18.03 7.79 7.09
CA GLY C 12 -18.48 9.07 7.62
C GLY C 12 -18.56 9.03 9.14
N LEU C 13 -18.92 7.88 9.68
CA LEU C 13 -19.04 7.72 11.12
C LEU C 13 -17.70 7.66 11.83
N ALA C 14 -16.74 6.92 11.26
CA ALA C 14 -15.42 6.85 11.86
C ALA C 14 -14.88 8.28 11.93
N ASN C 15 -15.30 9.11 10.98
CA ASN C 15 -14.90 10.51 10.86
C ASN C 15 -15.43 11.41 12.00
N THR C 16 -16.74 11.41 12.21
CA THR C 16 -17.35 12.22 13.26
C THR C 16 -17.04 11.70 14.67
N ILE C 17 -16.57 10.46 14.75
CA ILE C 17 -16.25 9.87 16.04
C ILE C 17 -15.06 10.60 16.62
N ARG C 18 -14.14 10.97 15.75
CA ARG C 18 -12.93 11.67 16.16
C ARG C 18 -13.28 12.99 16.84
N GLU C 19 -14.43 13.56 16.49
CA GLU C 19 -14.84 14.82 17.11
C GLU C 19 -15.70 14.57 18.34
N GLN C 20 -16.59 13.58 18.26
CA GLN C 20 -17.44 13.21 19.38
C GLN C 20 -16.55 12.77 20.54
N ALA C 21 -15.27 12.58 20.23
CA ALA C 21 -14.29 12.12 21.22
C ALA C 21 -13.97 13.12 22.32
N LEU C 22 -14.88 13.27 23.28
CA LEU C 22 -14.71 14.18 24.42
C LEU C 22 -16.05 14.48 25.10
N VAL D 1 -32.92 16.03 -5.36
CA VAL D 1 -33.69 14.95 -6.04
C VAL D 1 -32.78 13.86 -6.62
N GLU D 2 -33.34 12.68 -6.84
CA GLU D 2 -32.61 11.54 -7.42
C GLU D 2 -31.15 11.34 -7.01
N GLU D 3 -30.35 10.93 -7.99
CA GLU D 3 -28.93 10.66 -7.84
C GLU D 3 -28.05 11.86 -8.15
N ILE D 4 -28.64 13.05 -8.19
CA ILE D 4 -27.86 14.25 -8.46
C ILE D 4 -26.93 14.44 -7.26
N LYS D 5 -27.44 14.09 -6.08
CA LYS D 5 -26.68 14.21 -4.83
C LYS D 5 -25.52 13.23 -4.81
N ASN D 6 -25.69 12.08 -5.44
CA ASN D 6 -24.65 11.05 -5.48
C ASN D 6 -23.65 11.32 -6.61
N ALA D 7 -23.35 12.60 -6.81
CA ALA D 7 -22.39 13.04 -7.81
C ALA D 7 -21.68 14.21 -7.18
N SER D 8 -22.45 15.03 -6.47
CA SER D 8 -21.90 16.18 -5.77
C SER D 8 -21.02 15.59 -4.66
N ILE D 9 -21.49 14.49 -4.07
CA ILE D 9 -20.80 13.80 -2.99
C ILE D 9 -19.56 13.05 -3.44
N LYS D 10 -19.74 12.14 -4.38
CA LYS D 10 -18.62 11.38 -4.90
C LYS D 10 -17.56 12.37 -5.37
N ARG D 11 -17.98 13.34 -6.18
CA ARG D 11 -17.07 14.35 -6.67
C ARG D 11 -16.44 15.10 -5.51
N LYS D 12 -17.17 15.17 -4.40
CA LYS D 12 -16.66 15.85 -3.21
C LYS D 12 -15.56 14.98 -2.62
N LEU D 13 -15.81 13.68 -2.60
CA LEU D 13 -14.84 12.74 -2.06
C LEU D 13 -13.59 12.66 -2.94
N PHE D 14 -13.80 12.66 -4.26
CA PHE D 14 -12.71 12.61 -5.25
C PHE D 14 -11.86 13.88 -5.19
N GLY D 15 -12.49 14.99 -4.83
CA GLY D 15 -11.77 16.24 -4.73
C GLY D 15 -10.93 16.28 -3.47
N LEU D 16 -11.43 15.67 -2.41
CA LEU D 16 -10.72 15.64 -1.14
C LEU D 16 -9.55 14.65 -1.24
N ALA D 17 -9.81 13.50 -1.87
CA ALA D 17 -8.81 12.45 -2.07
C ALA D 17 -7.67 12.95 -2.95
N ASN D 18 -8.03 13.71 -3.98
CA ASN D 18 -7.07 14.27 -4.92
C ASN D 18 -6.27 15.37 -4.23
N THR D 19 -6.93 16.07 -3.31
CA THR D 19 -6.28 17.15 -2.56
C THR D 19 -5.23 16.56 -1.64
N ILE D 20 -5.55 15.42 -1.04
CA ILE D 20 -4.62 14.78 -0.12
C ILE D 20 -3.42 14.15 -0.81
N ARG D 21 -3.63 13.68 -2.04
CA ARG D 21 -2.57 13.06 -2.81
C ARG D 21 -1.62 14.14 -3.32
N GLU D 22 -2.19 15.23 -3.81
CA GLU D 22 -1.39 16.33 -4.33
C GLU D 22 -0.58 16.98 -3.21
N GLN D 23 -1.08 16.85 -1.99
CA GLN D 23 -0.44 17.42 -0.82
C GLN D 23 0.55 16.46 -0.19
N ALA D 24 0.83 15.36 -0.88
CA ALA D 24 1.76 14.37 -0.37
C ALA D 24 3.03 14.27 -1.21
N LEU D 25 3.00 14.84 -2.42
CA LEU D 25 4.17 14.80 -3.30
C LEU D 25 4.23 15.94 -4.30
N GLU D 26 5.34 16.01 -5.02
CA GLU D 26 5.55 17.05 -6.03
C GLU D 26 5.36 18.46 -5.47
#